data_6MGC
#
_entry.id   6MGC
#
_cell.length_a   58.220
_cell.length_b   64.580
_cell.length_c   77.590
_cell.angle_alpha   90.00
_cell.angle_beta   90.00
_cell.angle_gamma   90.00
#
_symmetry.space_group_name_H-M   'P 21 21 21'
#
loop_
_entity.id
_entity.type
_entity.pdbx_description
1 polymer 'Capsule polysaccharide export protein KpsC'
2 non-polymer "CYTIDINE-5'-MONOPHOSPHATE"
3 non-polymer 'CHLORIDE ION'
4 non-polymer 'SULFATE ION'
5 water water
#
_entity_poly.entity_id   1
_entity_poly.type   'polypeptide(L)'
_entity_poly.pdbx_seq_one_letter_code
;MGIGIYSPGIWRIPHLEKFLAQPCQKLSLLRPVPQEVNAIAVWGHRPSAAKPVAIAKAAGKPVIRLEDGFVRSLDLGVNG
EPPLSLVVDDCGIYYDASKPSALEKLVQDKAGNTALISQAREAMHTIVTGDMSKYNLAPAFVADESERTNIVLVVDQTFN
DMSVTYGNAGPHEFAAMLEAAMAENPQAEIWVKVHPDVLEGKKTGYFADLRATQRVRLIAENVSPQSLLRHVSRVYVVTS
QYGFEALLAGKPVTCFGQPWYASWGLTDDRHPQSALLSARRGSATLEELFAAAYLRYCRYIDPQTGEVSDLFTVLQWLQL
QRRHLQQRNGYLWAPGLTLWKSAILKPFLRTPTLEHHHHHH
;
_entity_poly.pdbx_strand_id   A
#
loop_
_chem_comp.id
_chem_comp.type
_chem_comp.name
_chem_comp.formula
C5P non-polymer CYTIDINE-5'-MONOPHOSPHATE 'C9 H14 N3 O8 P'
CL non-polymer 'CHLORIDE ION' 'Cl -1'
SO4 non-polymer 'SULFATE ION' 'O4 S -2'
#
# COMPACT_ATOMS: atom_id res chain seq x y z
N GLY A 2 8.92 23.28 -14.11
CA GLY A 2 8.77 22.42 -12.94
C GLY A 2 7.88 21.23 -13.28
N ILE A 3 7.17 20.73 -12.28
CA ILE A 3 6.26 19.59 -12.48
C ILE A 3 4.86 20.08 -12.83
N GLY A 4 4.33 19.61 -13.96
CA GLY A 4 2.99 19.99 -14.38
C GLY A 4 1.92 19.10 -13.76
N ILE A 5 0.85 19.74 -13.32
CA ILE A 5 -0.28 19.08 -12.66
C ILE A 5 -1.55 19.44 -13.41
N TYR A 6 -2.31 18.44 -13.84
CA TYR A 6 -3.59 18.67 -14.51
C TYR A 6 -4.78 18.49 -13.57
N SER A 7 -4.65 17.64 -12.57
CA SER A 7 -5.78 17.28 -11.74
C SER A 7 -5.98 18.31 -10.64
N PRO A 8 -7.14 18.96 -10.56
CA PRO A 8 -7.41 19.82 -9.39
C PRO A 8 -7.27 19.08 -8.07
N GLY A 9 -7.62 17.79 -8.03
CA GLY A 9 -7.50 17.04 -6.79
C GLY A 9 -6.05 16.94 -6.30
N ILE A 10 -5.13 16.66 -7.22
CA ILE A 10 -3.70 16.66 -6.86
C ILE A 10 -3.26 18.06 -6.46
N TRP A 11 -3.66 19.06 -7.25
CA TRP A 11 -3.23 20.44 -7.02
C TRP A 11 -3.63 20.94 -5.64
N ARG A 12 -4.74 20.41 -5.09
CA ARG A 12 -5.26 20.83 -3.80
C ARG A 12 -4.64 20.08 -2.61
N ILE A 13 -3.76 19.12 -2.85
CA ILE A 13 -3.11 18.41 -1.74
C ILE A 13 -2.29 19.42 -0.96
N PRO A 14 -2.54 19.62 0.33
CA PRO A 14 -1.73 20.58 1.10
C PRO A 14 -0.26 20.18 1.09
N HIS A 15 0.61 21.16 0.82
CA HIS A 15 2.06 20.98 0.84
C HIS A 15 2.55 20.06 -0.28
N LEU A 16 1.79 19.99 -1.38
CA LEU A 16 2.17 19.16 -2.51
C LEU A 16 3.63 19.36 -2.90
N GLU A 17 4.07 20.62 -2.97
CA GLU A 17 5.43 20.91 -3.40
C GLU A 17 6.47 20.37 -2.42
N LYS A 18 6.10 20.14 -1.16
CA LYS A 18 7.05 19.55 -0.22
C LYS A 18 7.21 18.05 -0.48
N PHE A 19 6.16 17.37 -0.90
CA PHE A 19 6.29 15.96 -1.28
C PHE A 19 7.08 15.82 -2.58
N LEU A 20 6.80 16.68 -3.57
CA LEU A 20 7.48 16.53 -4.85
C LEU A 20 8.88 17.14 -4.84
N ALA A 21 9.17 18.03 -3.90
CA ALA A 21 10.49 18.62 -3.75
C ALA A 21 10.94 19.42 -4.97
N GLN A 22 9.99 19.82 -5.81
CA GLN A 22 10.21 20.69 -6.95
C GLN A 22 9.01 21.62 -7.03
N PRO A 23 9.17 22.77 -7.68
CA PRO A 23 8.00 23.61 -7.93
C PRO A 23 7.02 22.89 -8.84
N CYS A 24 5.75 23.20 -8.65
CA CYS A 24 4.67 22.61 -9.42
C CYS A 24 3.86 23.72 -10.06
N GLN A 25 3.25 23.42 -11.21
CA GLN A 25 2.44 24.38 -11.92
C GLN A 25 1.21 23.70 -12.50
N LYS A 26 0.11 24.45 -12.56
CA LYS A 26 -1.16 23.92 -13.02
C LYS A 26 -1.24 24.04 -14.54
N LEU A 27 -1.57 22.94 -15.20
CA LEU A 27 -1.64 22.87 -16.65
C LEU A 27 -3.06 22.61 -17.12
N SER A 28 -3.31 23.02 -18.36
CA SER A 28 -4.57 22.80 -19.04
C SER A 28 -4.45 21.65 -20.04
N LEU A 29 -5.45 20.78 -20.03
CA LEU A 29 -5.49 19.68 -21.00
C LEU A 29 -5.69 20.18 -22.43
N LEU A 30 -6.04 21.45 -22.62
CA LEU A 30 -6.35 21.99 -23.93
C LEU A 30 -5.26 22.89 -24.51
N ARG A 31 -4.09 22.93 -23.88
CA ARG A 31 -2.99 23.77 -24.33
C ARG A 31 -1.72 22.93 -24.38
N PRO A 32 -0.73 23.36 -25.16
CA PRO A 32 0.55 22.62 -25.20
C PRO A 32 1.27 22.67 -23.86
N VAL A 33 2.11 21.67 -23.64
CA VAL A 33 2.90 21.61 -22.40
C VAL A 33 4.00 22.67 -22.48
N PRO A 34 4.09 23.58 -21.51
CA PRO A 34 5.14 24.61 -21.58
C PRO A 34 6.53 24.00 -21.55
N GLN A 35 7.49 24.70 -22.17
CA GLN A 35 8.84 24.16 -22.28
C GLN A 35 9.49 23.95 -20.92
N GLU A 36 9.16 24.80 -19.94
CA GLU A 36 9.80 24.69 -18.64
C GLU A 36 9.32 23.50 -17.81
N VAL A 37 8.26 22.82 -18.24
CA VAL A 37 7.78 21.65 -17.52
C VAL A 37 8.69 20.48 -17.84
N ASN A 38 9.24 19.85 -16.79
CA ASN A 38 10.18 18.76 -16.98
C ASN A 38 9.57 17.39 -16.71
N ALA A 39 8.36 17.35 -16.16
CA ALA A 39 7.66 16.10 -15.89
C ALA A 39 6.23 16.45 -15.56
N ILE A 40 5.34 15.46 -15.69
CA ILE A 40 3.93 15.61 -15.40
C ILE A 40 3.56 14.57 -14.35
N ALA A 41 2.82 14.99 -13.33
CA ALA A 41 2.42 14.09 -12.25
C ALA A 41 0.92 13.81 -12.31
N VAL A 42 0.56 12.54 -12.11
CA VAL A 42 -0.83 12.04 -12.09
C VAL A 42 -0.98 11.16 -10.85
N TRP A 43 -2.22 10.75 -10.57
CA TRP A 43 -2.51 9.91 -9.41
C TRP A 43 -2.68 8.46 -9.85
N GLY A 44 -1.69 7.63 -9.52
CA GLY A 44 -1.76 6.21 -9.84
C GLY A 44 -2.19 5.99 -11.26
N HIS A 45 -3.16 5.09 -11.41
CA HIS A 45 -3.89 4.86 -12.64
C HIS A 45 -5.35 5.29 -12.54
N ARG A 46 -5.66 6.28 -11.75
CA ARG A 46 -7.01 6.84 -11.74
C ARG A 46 -7.43 7.17 -13.18
N PRO A 47 -8.72 7.08 -13.51
CA PRO A 47 -9.11 7.40 -14.89
C PRO A 47 -8.66 8.78 -15.35
N SER A 48 -8.59 9.76 -14.44
CA SER A 48 -8.15 11.10 -14.80
C SER A 48 -6.70 11.15 -15.24
N ALA A 49 -5.91 10.11 -14.97
CA ALA A 49 -4.51 10.10 -15.37
C ALA A 49 -4.32 9.87 -16.86
N ALA A 50 -5.27 9.21 -17.53
CA ALA A 50 -4.98 8.69 -18.86
C ALA A 50 -4.66 9.80 -19.86
N LYS A 51 -5.46 10.86 -19.88
CA LYS A 51 -5.23 11.93 -20.85
C LYS A 51 -3.93 12.69 -20.56
N PRO A 52 -3.65 13.12 -19.34
CA PRO A 52 -2.32 13.70 -19.07
C PRO A 52 -1.17 12.79 -19.45
N VAL A 53 -1.29 11.48 -19.19
CA VAL A 53 -0.22 10.57 -19.55
C VAL A 53 -0.02 10.55 -21.06
N ALA A 54 -1.11 10.51 -21.82
CA ALA A 54 -1.00 10.52 -23.29
C ALA A 54 -0.35 11.81 -23.77
N ILE A 55 -0.74 12.96 -23.19
CA ILE A 55 -0.10 14.23 -23.54
C ILE A 55 1.38 14.18 -23.25
N ALA A 56 1.74 13.72 -22.04
CA ALA A 56 3.14 13.65 -21.65
C ALA A 56 3.94 12.82 -22.65
N LYS A 57 3.41 11.65 -23.01
CA LYS A 57 4.12 10.78 -23.94
C LYS A 57 4.27 11.43 -25.31
N ALA A 58 3.22 12.09 -25.79
CA ALA A 58 3.32 12.78 -27.08
C ALA A 58 4.29 13.94 -27.01
N ALA A 59 4.42 14.58 -25.85
CA ALA A 59 5.33 15.71 -25.69
C ALA A 59 6.74 15.31 -25.27
N GLY A 60 6.98 14.03 -25.03
CA GLY A 60 8.29 13.58 -24.60
C GLY A 60 8.62 13.92 -23.17
N LYS A 61 7.62 14.09 -22.31
CA LYS A 61 7.86 14.46 -20.92
C LYS A 61 7.68 13.25 -20.01
N PRO A 62 8.59 13.05 -19.05
CA PRO A 62 8.44 11.94 -18.09
C PRO A 62 7.16 12.07 -17.27
N VAL A 63 6.64 10.91 -16.87
CA VAL A 63 5.43 10.81 -16.04
C VAL A 63 5.83 10.37 -14.65
N ILE A 64 5.31 11.07 -13.65
CA ILE A 64 5.41 10.70 -12.25
C ILE A 64 4.03 10.27 -11.79
N ARG A 65 3.93 9.11 -11.15
CA ARG A 65 2.68 8.65 -10.58
C ARG A 65 2.77 8.76 -9.05
N LEU A 66 1.76 9.39 -8.47
CA LEU A 66 1.65 9.59 -7.04
C LEU A 66 0.66 8.59 -6.46
N GLU A 67 0.79 8.33 -5.16
CA GLU A 67 -0.22 7.61 -4.42
C GLU A 67 -0.01 7.93 -2.94
N ASP A 68 -0.92 7.46 -2.11
CA ASP A 68 -0.76 7.63 -0.67
C ASP A 68 0.41 6.82 -0.14
N GLY A 69 1.07 7.37 0.87
CA GLY A 69 2.08 6.63 1.58
C GLY A 69 1.50 5.45 2.36
N PHE A 70 2.40 4.56 2.76
CA PHE A 70 2.03 3.36 3.50
C PHE A 70 1.67 3.67 4.96
N VAL A 71 2.16 4.78 5.49
CA VAL A 71 1.69 5.38 6.74
C VAL A 71 1.17 6.75 6.33
N ARG A 72 -0.15 6.89 6.17
CA ARG A 72 -0.72 8.05 5.50
C ARG A 72 -1.22 9.13 6.47
N SER A 73 -2.02 8.76 7.48
CA SER A 73 -2.76 9.78 8.22
C SER A 73 -3.51 9.12 9.37
N LEU A 74 -4.23 9.94 10.13
CA LEU A 74 -5.13 9.42 11.16
C LEU A 74 -6.39 8.84 10.52
N ASP A 75 -7.24 9.70 9.96
CA ASP A 75 -8.50 9.28 9.38
C ASP A 75 -8.31 8.82 7.93
N LEU A 76 -9.36 8.23 7.38
CA LEU A 76 -9.29 7.64 6.05
C LEU A 76 -9.23 8.72 4.97
N GLY A 77 -8.66 8.34 3.83
CA GLY A 77 -8.66 9.25 2.68
C GLY A 77 -10.05 9.55 2.19
N VAL A 78 -10.95 8.55 2.20
CA VAL A 78 -12.33 8.77 1.75
C VAL A 78 -13.10 9.71 2.65
N ASN A 79 -12.58 10.03 3.84
CA ASN A 79 -13.22 10.96 4.75
C ASN A 79 -12.66 12.39 4.63
N GLY A 80 -11.73 12.62 3.71
CA GLY A 80 -11.23 13.96 3.44
C GLY A 80 -9.91 14.30 4.11
N GLU A 81 -9.45 13.49 5.06
CA GLU A 81 -8.20 13.79 5.76
C GLU A 81 -7.06 13.93 4.76
N PRO A 82 -6.25 14.99 4.84
CA PRO A 82 -5.11 15.12 3.90
C PRO A 82 -4.00 14.16 4.24
N PRO A 83 -3.12 13.87 3.28
CA PRO A 83 -2.04 12.90 3.52
C PRO A 83 -0.82 13.54 4.17
N LEU A 84 -0.21 12.78 5.08
CA LEU A 84 1.09 13.13 5.64
C LEU A 84 2.23 12.47 4.90
N SER A 85 1.92 11.58 3.95
CA SER A 85 2.92 10.84 3.22
C SER A 85 2.37 10.51 1.83
N LEU A 86 3.22 10.64 0.83
CA LEU A 86 2.91 10.23 -0.54
C LEU A 86 4.03 9.37 -1.07
N VAL A 87 3.70 8.45 -1.99
CA VAL A 87 4.73 7.84 -2.81
C VAL A 87 4.84 8.63 -4.09
N VAL A 88 6.07 8.66 -4.62
CA VAL A 88 6.41 9.39 -5.83
C VAL A 88 7.19 8.41 -6.71
N ASP A 89 6.58 7.99 -7.82
CA ASP A 89 7.12 6.93 -8.66
C ASP A 89 7.37 7.47 -10.07
N ASP A 90 8.65 7.59 -10.44
CA ASP A 90 9.01 8.09 -11.77
C ASP A 90 9.14 6.98 -12.82
N CYS A 91 8.75 5.76 -12.51
CA CYS A 91 8.89 4.63 -13.43
CA CYS A 91 8.88 4.63 -13.44
C CYS A 91 7.57 3.94 -13.75
N GLY A 92 6.74 3.73 -12.75
CA GLY A 92 5.47 3.06 -12.90
C GLY A 92 4.67 3.38 -11.64
N ILE A 93 4.14 2.36 -10.96
CA ILE A 93 3.54 2.54 -9.65
C ILE A 93 3.64 1.20 -8.92
N TYR A 94 3.76 1.25 -7.60
CA TYR A 94 4.14 0.06 -6.85
C TYR A 94 3.18 -1.09 -7.08
N TYR A 95 1.89 -0.79 -7.23
CA TYR A 95 0.88 -1.83 -7.30
C TYR A 95 0.73 -2.46 -8.68
N ASP A 96 1.37 -1.90 -9.69
CA ASP A 96 1.31 -2.42 -11.05
C ASP A 96 2.42 -3.45 -11.23
N ALA A 97 2.04 -4.72 -11.24
CA ALA A 97 2.98 -5.84 -11.32
C ALA A 97 3.51 -6.06 -12.73
N SER A 98 2.91 -5.43 -13.75
CA SER A 98 3.22 -5.76 -15.14
C SER A 98 4.61 -5.33 -15.58
N LYS A 99 5.22 -4.37 -14.89
CA LYS A 99 6.56 -3.89 -15.25
C LYS A 99 7.21 -3.37 -13.98
N PRO A 100 8.52 -3.16 -13.99
CA PRO A 100 9.17 -2.58 -12.83
C PRO A 100 8.56 -1.23 -12.46
N SER A 101 8.48 -0.96 -11.19
CA SER A 101 8.16 0.35 -10.64
C SER A 101 9.42 0.92 -10.01
N ALA A 102 9.39 2.21 -9.65
CA ALA A 102 10.52 2.75 -8.93
C ALA A 102 10.74 2.00 -7.63
N LEU A 103 9.66 1.56 -6.98
CA LEU A 103 9.82 0.79 -5.74
C LEU A 103 10.57 -0.50 -6.00
N GLU A 104 10.16 -1.25 -7.04
CA GLU A 104 10.85 -2.50 -7.34
C GLU A 104 12.35 -2.28 -7.48
N LYS A 105 12.74 -1.21 -8.19
CA LYS A 105 14.16 -0.91 -8.39
C LYS A 105 14.85 -0.51 -7.09
N LEU A 106 14.13 0.21 -6.22
CA LEU A 106 14.73 0.54 -4.93
C LEU A 106 14.96 -0.71 -4.09
N VAL A 107 14.02 -1.66 -4.08
CA VAL A 107 14.24 -2.91 -3.36
C VAL A 107 15.48 -3.61 -3.89
N GLN A 108 15.65 -3.64 -5.21
CA GLN A 108 16.78 -4.31 -5.85
C GLN A 108 18.11 -3.63 -5.58
N ASP A 109 18.10 -2.34 -5.19
CA ASP A 109 19.33 -1.65 -4.78
C ASP A 109 19.65 -2.01 -3.33
N LYS A 110 20.22 -3.21 -3.17
CA LYS A 110 20.43 -3.77 -1.83
C LYS A 110 21.39 -2.90 -1.01
N ALA A 111 22.43 -2.34 -1.64
CA ALA A 111 23.38 -1.53 -0.91
C ALA A 111 22.72 -0.32 -0.30
N GLY A 112 21.83 0.34 -1.04
CA GLY A 112 21.10 1.46 -0.50
C GLY A 112 20.23 1.07 0.69
N ASN A 113 19.65 -0.12 0.66
CA ASN A 113 18.80 -0.55 1.75
C ASN A 113 19.62 -0.99 2.97
N THR A 114 20.78 -1.60 2.73
CA THR A 114 21.67 -2.00 3.83
C THR A 114 22.10 -0.79 4.66
N ALA A 115 22.32 0.35 4.00
CA ALA A 115 22.71 1.56 4.71
C ALA A 115 21.65 2.05 5.69
N LEU A 116 20.41 1.62 5.53
CA LEU A 116 19.28 2.07 6.36
C LEU A 116 18.82 0.98 7.32
N ILE A 117 19.62 -0.05 7.58
CA ILE A 117 19.17 -1.16 8.42
C ILE A 117 18.78 -0.69 9.82
N SER A 118 19.55 0.20 10.44
CA SER A 118 19.21 0.64 11.80
CA SER A 118 19.21 0.63 11.79
C SER A 118 17.90 1.41 11.81
N GLN A 119 17.72 2.33 10.87
CA GLN A 119 16.48 3.08 10.78
CA GLN A 119 16.48 3.08 10.78
C GLN A 119 15.31 2.15 10.49
N ALA A 120 15.51 1.17 9.62
CA ALA A 120 14.43 0.23 9.30
C ALA A 120 14.03 -0.56 10.53
N ARG A 121 15.00 -1.10 11.27
CA ARG A 121 14.66 -1.88 12.45
C ARG A 121 13.92 -1.04 13.47
N GLU A 122 14.35 0.21 13.66
CA GLU A 122 13.70 1.08 14.62
C GLU A 122 12.25 1.36 14.23
N ALA A 123 12.05 1.74 12.97
CA ALA A 123 10.69 2.07 12.53
C ALA A 123 9.79 0.85 12.51
N MET A 124 10.31 -0.31 12.11
CA MET A 124 9.53 -1.54 12.15
C MET A 124 9.05 -1.81 13.56
N HIS A 125 9.94 -1.67 14.53
CA HIS A 125 9.58 -1.89 15.93
C HIS A 125 8.48 -0.94 16.39
N THR A 126 8.59 0.34 16.01
CA THR A 126 7.57 1.31 16.42
C THR A 126 6.22 1.00 15.78
N ILE A 127 6.22 0.62 14.50
CA ILE A 127 4.97 0.33 13.80
C ILE A 127 4.29 -0.88 14.42
N VAL A 128 5.04 -1.94 14.69
CA VAL A 128 4.45 -3.14 15.27
C VAL A 128 4.02 -2.90 16.71
N THR A 129 4.96 -2.49 17.57
CA THR A 129 4.63 -2.37 18.99
C THR A 129 3.76 -1.17 19.28
N GLY A 130 3.85 -0.12 18.49
CA GLY A 130 2.98 1.04 18.56
C GLY A 130 1.67 0.91 17.81
N ASP A 131 1.46 -0.19 17.07
CA ASP A 131 0.15 -0.47 16.49
C ASP A 131 -0.26 0.61 15.49
N MET A 132 0.63 0.87 14.53
CA MET A 132 0.42 1.85 13.47
C MET A 132 0.11 1.16 12.16
N SER A 133 -0.45 1.93 11.21
CA SER A 133 -0.85 1.39 9.92
C SER A 133 -0.98 2.55 8.93
N LYS A 134 -1.64 2.29 7.81
CA LYS A 134 -1.85 3.34 6.82
C LYS A 134 -2.79 4.40 7.37
N TYR A 135 -3.85 3.96 8.06
CA TYR A 135 -4.78 4.79 8.78
C TYR A 135 -4.67 4.43 10.26
N ASN A 136 -5.01 5.37 11.16
CA ASN A 136 -4.55 5.25 12.54
C ASN A 136 -5.54 5.77 13.57
N LEU A 137 -6.84 5.68 13.27
CA LEU A 137 -7.85 6.01 14.27
C LEU A 137 -8.56 4.80 14.84
N ALA A 138 -8.40 3.63 14.24
CA ALA A 138 -9.15 2.47 14.69
C ALA A 138 -8.65 2.02 16.06
N PRO A 139 -9.54 1.59 16.95
CA PRO A 139 -9.11 1.06 18.25
C PRO A 139 -8.48 -0.32 18.09
N ALA A 140 -7.83 -0.76 19.16
CA ALA A 140 -7.20 -2.07 19.17
C ALA A 140 -8.26 -3.18 19.24
N PHE A 141 -8.00 -4.25 18.50
CA PHE A 141 -8.86 -5.43 18.55
C PHE A 141 -8.82 -6.06 19.94
N VAL A 142 -9.96 -6.63 20.34
CA VAL A 142 -10.11 -7.31 21.62
C VAL A 142 -10.58 -8.74 21.33
N ALA A 143 -9.78 -9.71 21.74
CA ALA A 143 -10.12 -11.11 21.57
C ALA A 143 -10.85 -11.63 22.81
N ASP A 144 -11.21 -12.91 22.80
CA ASP A 144 -11.88 -13.53 23.93
C ASP A 144 -11.56 -15.02 24.00
N THR A 149 -7.64 -21.61 18.91
CA THR A 149 -7.04 -20.37 18.40
C THR A 149 -6.25 -20.63 17.10
N ASN A 150 -6.56 -21.75 16.44
CA ASN A 150 -6.21 -21.87 15.04
C ASN A 150 -7.09 -20.90 14.28
N ILE A 151 -6.61 -19.68 14.03
CA ILE A 151 -7.36 -18.61 13.40
C ILE A 151 -6.66 -18.25 12.10
N VAL A 152 -7.41 -18.19 11.01
CA VAL A 152 -6.90 -17.84 9.69
C VAL A 152 -7.56 -16.54 9.28
N LEU A 153 -6.75 -15.52 8.99
CA LEU A 153 -7.27 -14.22 8.58
C LEU A 153 -7.31 -14.14 7.06
N VAL A 154 -8.45 -13.70 6.52
CA VAL A 154 -8.67 -13.53 5.08
C VAL A 154 -9.05 -12.07 4.88
N VAL A 155 -8.28 -11.34 4.10
CA VAL A 155 -8.37 -9.88 4.03
C VAL A 155 -9.21 -9.45 2.83
N ASP A 156 -10.31 -8.74 3.07
CA ASP A 156 -11.06 -8.17 1.96
C ASP A 156 -10.50 -6.81 1.59
N GLN A 157 -10.85 -6.37 0.39
CA GLN A 157 -10.43 -5.11 -0.16
C GLN A 157 -11.62 -4.38 -0.76
N THR A 158 -11.42 -3.14 -1.15
CA THR A 158 -12.48 -2.38 -1.81
C THR A 158 -12.64 -2.85 -3.26
N PHE A 159 -13.89 -3.01 -3.69
CA PHE A 159 -14.18 -3.53 -5.01
C PHE A 159 -13.57 -2.64 -6.08
N ASN A 160 -12.80 -3.27 -6.98
CA ASN A 160 -12.13 -2.63 -8.11
C ASN A 160 -10.98 -1.70 -7.68
N ASP A 161 -10.46 -1.86 -6.46
CA ASP A 161 -9.19 -1.27 -6.05
C ASP A 161 -8.18 -1.42 -7.18
N MET A 162 -7.48 -0.32 -7.52
CA MET A 162 -6.49 -0.41 -8.58
CA MET A 162 -6.49 -0.41 -8.58
C MET A 162 -5.33 -1.34 -8.23
N SER A 163 -5.05 -1.54 -6.92
CA SER A 163 -4.00 -2.52 -6.59
C SER A 163 -4.40 -3.95 -6.91
N VAL A 164 -5.72 -4.23 -6.99
CA VAL A 164 -6.20 -5.53 -7.42
C VAL A 164 -6.10 -5.64 -8.93
N THR A 165 -6.63 -4.65 -9.63
CA THR A 165 -6.70 -4.73 -11.10
C THR A 165 -5.31 -4.70 -11.73
N TYR A 166 -4.42 -3.82 -11.26
CA TYR A 166 -3.05 -3.75 -11.77
C TYR A 166 -2.12 -4.76 -11.12
N GLY A 167 -2.62 -5.48 -10.10
CA GLY A 167 -1.92 -6.63 -9.51
C GLY A 167 -2.38 -7.96 -10.08
N ASN A 168 -2.98 -7.93 -11.27
CA ASN A 168 -3.38 -9.12 -12.06
C ASN A 168 -4.39 -9.98 -11.33
N ALA A 169 -5.35 -9.33 -10.67
CA ALA A 169 -6.37 -10.03 -9.92
C ALA A 169 -7.72 -9.38 -10.12
N GLY A 170 -8.73 -10.00 -9.52
CA GLY A 170 -10.11 -9.59 -9.65
C GLY A 170 -10.95 -10.46 -8.75
N PRO A 171 -12.28 -10.43 -8.96
CA PRO A 171 -13.16 -11.26 -8.12
C PRO A 171 -12.76 -12.71 -8.04
N HIS A 172 -12.24 -13.29 -9.15
CA HIS A 172 -11.88 -14.71 -9.10
C HIS A 172 -10.87 -15.01 -8.00
N GLU A 173 -9.87 -14.14 -7.81
CA GLU A 173 -8.82 -14.38 -6.81
C GLU A 173 -9.35 -14.29 -5.40
N PHE A 174 -10.37 -13.46 -5.15
CA PHE A 174 -10.97 -13.44 -3.82
C PHE A 174 -11.72 -14.72 -3.54
N ALA A 175 -12.46 -15.22 -4.53
CA ALA A 175 -13.13 -16.51 -4.34
C ALA A 175 -12.10 -17.63 -4.13
N ALA A 176 -11.06 -17.66 -4.96
CA ALA A 176 -10.05 -18.71 -4.83
C ALA A 176 -9.35 -18.63 -3.48
N MET A 177 -9.12 -17.41 -3.00
CA MET A 177 -8.43 -17.20 -1.72
C MET A 177 -9.27 -17.76 -0.59
N LEU A 178 -10.56 -17.42 -0.56
CA LEU A 178 -11.40 -17.92 0.52
C LEU A 178 -11.53 -19.43 0.46
N GLU A 179 -11.69 -19.99 -0.75
CA GLU A 179 -11.78 -21.43 -0.88
C GLU A 179 -10.50 -22.11 -0.39
N ALA A 180 -9.35 -21.54 -0.74
CA ALA A 180 -8.08 -22.11 -0.31
C ALA A 180 -7.92 -22.02 1.21
N ALA A 181 -8.26 -20.87 1.78
CA ALA A 181 -8.16 -20.73 3.23
C ALA A 181 -8.98 -21.79 3.95
N MET A 182 -10.21 -22.05 3.48
CA MET A 182 -11.09 -23.01 4.12
C MET A 182 -10.59 -24.43 3.92
N ALA A 183 -10.14 -24.75 2.70
CA ALA A 183 -9.73 -26.12 2.41
C ALA A 183 -8.40 -26.46 3.05
N GLU A 184 -7.49 -25.50 3.09
CA GLU A 184 -6.15 -25.74 3.62
C GLU A 184 -6.10 -25.70 5.14
N ASN A 185 -7.14 -25.18 5.79
CA ASN A 185 -7.20 -25.08 7.25
C ASN A 185 -8.57 -25.58 7.69
N PRO A 186 -8.83 -26.88 7.56
CA PRO A 186 -10.20 -27.38 7.71
C PRO A 186 -10.76 -27.28 9.12
N GLN A 187 -9.92 -27.11 10.14
CA GLN A 187 -10.37 -27.02 11.53
C GLN A 187 -10.28 -25.61 12.08
N ALA A 188 -9.76 -24.65 11.33
CA ALA A 188 -9.57 -23.31 11.85
C ALA A 188 -10.88 -22.52 11.78
N GLU A 189 -10.95 -21.47 12.60
CA GLU A 189 -11.91 -20.41 12.36
C GLU A 189 -11.35 -19.50 11.28
N ILE A 190 -12.19 -19.12 10.32
CA ILE A 190 -11.81 -18.22 9.24
C ILE A 190 -12.40 -16.86 9.56
N TRP A 191 -11.54 -15.86 9.70
CA TRP A 191 -11.98 -14.49 9.98
C TRP A 191 -11.81 -13.69 8.70
N VAL A 192 -12.92 -13.22 8.14
CA VAL A 192 -12.90 -12.38 6.94
C VAL A 192 -12.99 -10.93 7.40
N LYS A 193 -11.90 -10.18 7.20
CA LYS A 193 -11.81 -8.81 7.70
C LYS A 193 -12.28 -7.83 6.63
N VAL A 194 -13.33 -7.09 6.96
CA VAL A 194 -13.88 -6.09 6.06
C VAL A 194 -12.98 -4.86 6.03
N HIS A 195 -12.80 -4.28 4.84
CA HIS A 195 -11.96 -3.09 4.70
C HIS A 195 -12.66 -1.88 5.34
N PRO A 196 -11.90 -0.97 5.96
CA PRO A 196 -12.54 0.19 6.62
C PRO A 196 -13.31 1.13 5.69
N ASP A 197 -12.87 1.34 4.44
CA ASP A 197 -13.66 2.15 3.52
C ASP A 197 -15.05 1.55 3.31
N VAL A 198 -15.14 0.23 3.38
CA VAL A 198 -16.43 -0.44 3.24
C VAL A 198 -17.24 -0.28 4.52
N LEU A 199 -16.59 -0.39 5.68
CA LEU A 199 -17.28 -0.16 6.95
C LEU A 199 -17.78 1.26 7.06
N GLU A 200 -17.04 2.23 6.51
CA GLU A 200 -17.53 3.60 6.44
C GLU A 200 -18.76 3.73 5.54
N GLY A 201 -19.08 2.70 4.76
CA GLY A 201 -20.22 2.71 3.88
C GLY A 201 -19.96 3.31 2.51
N LYS A 202 -18.76 3.81 2.26
CA LYS A 202 -18.45 4.54 1.04
C LYS A 202 -17.92 3.64 -0.07
N LYS A 203 -17.82 2.34 0.16
CA LYS A 203 -17.41 1.40 -0.87
C LYS A 203 -17.99 0.03 -0.55
N THR A 204 -17.87 -0.88 -1.51
CA THR A 204 -18.28 -2.26 -1.34
C THR A 204 -17.05 -3.14 -1.44
N GLY A 205 -17.07 -4.29 -0.76
CA GLY A 205 -15.95 -5.20 -0.79
C GLY A 205 -16.19 -6.42 -1.66
N TYR A 206 -15.10 -7.17 -1.90
CA TYR A 206 -15.21 -8.38 -2.71
C TYR A 206 -16.07 -9.46 -2.06
N PHE A 207 -16.11 -9.49 -0.73
CA PHE A 207 -16.96 -10.45 -0.03
C PHE A 207 -18.33 -9.89 0.34
N ALA A 208 -18.82 -8.92 -0.44
CA ALA A 208 -20.09 -8.27 -0.13
C ALA A 208 -21.22 -9.27 -0.03
N ASP A 209 -21.19 -10.33 -0.82
CA ASP A 209 -22.28 -11.30 -0.84
C ASP A 209 -22.05 -12.48 0.10
N LEU A 210 -20.94 -12.49 0.84
CA LEU A 210 -20.61 -13.64 1.66
C LEU A 210 -21.55 -13.71 2.87
N ARG A 211 -22.11 -14.89 3.09
CA ARG A 211 -22.93 -15.15 4.26
C ARG A 211 -22.03 -15.71 5.36
N ALA A 212 -21.97 -15.02 6.49
CA ALA A 212 -21.31 -15.57 7.67
C ALA A 212 -21.91 -16.94 7.96
N THR A 213 -21.05 -17.92 8.20
CA THR A 213 -21.47 -19.31 8.04
C THR A 213 -20.49 -20.29 8.66
N GLN A 214 -20.98 -21.17 9.55
CA GLN A 214 -20.18 -22.24 10.11
C GLN A 214 -18.86 -21.72 10.66
N ARG A 215 -17.74 -22.07 10.02
CA ARG A 215 -16.42 -21.67 10.51
C ARG A 215 -16.03 -20.27 10.08
N VAL A 216 -16.84 -19.60 9.27
CA VAL A 216 -16.46 -18.31 8.68
C VAL A 216 -17.12 -17.21 9.52
N ARG A 217 -16.29 -16.36 10.08
CA ARG A 217 -16.74 -15.20 10.85
C ARG A 217 -16.37 -13.95 10.09
N LEU A 218 -17.30 -13.00 10.02
CA LEU A 218 -17.07 -11.73 9.37
C LEU A 218 -16.64 -10.72 10.42
N ILE A 219 -15.40 -10.21 10.31
CA ILE A 219 -14.92 -9.16 11.21
C ILE A 219 -15.29 -7.84 10.54
N ALA A 220 -16.47 -7.35 10.87
CA ALA A 220 -16.99 -6.08 10.36
C ALA A 220 -16.81 -4.98 11.40
N GLU A 221 -15.58 -4.83 11.87
CA GLU A 221 -15.22 -3.78 12.82
C GLU A 221 -13.93 -3.14 12.37
N ASN A 222 -13.81 -1.85 12.66
CA ASN A 222 -12.61 -1.09 12.31
C ASN A 222 -11.62 -1.23 13.47
N VAL A 223 -10.53 -1.96 13.24
CA VAL A 223 -9.54 -2.22 14.28
C VAL A 223 -8.14 -2.11 13.69
N SER A 224 -7.18 -1.78 14.54
CA SER A 224 -5.81 -1.59 14.10
C SER A 224 -5.21 -2.94 13.68
N PRO A 225 -4.55 -3.01 12.51
CA PRO A 225 -4.06 -4.32 12.03
C PRO A 225 -3.12 -5.04 12.98
N GLN A 226 -2.12 -4.36 13.53
CA GLN A 226 -1.16 -5.09 14.34
C GLN A 226 -1.83 -5.74 15.54
N SER A 227 -2.84 -5.08 16.13
CA SER A 227 -3.55 -5.68 17.26
C SER A 227 -4.31 -6.94 16.85
N LEU A 228 -4.90 -6.93 15.65
CA LEU A 228 -5.64 -8.11 15.19
C LEU A 228 -4.68 -9.23 14.80
N LEU A 229 -3.59 -8.88 14.13
CA LEU A 229 -2.64 -9.88 13.65
C LEU A 229 -2.06 -10.70 14.80
N ARG A 230 -1.93 -10.10 15.99
CA ARG A 230 -1.42 -10.83 17.15
C ARG A 230 -2.21 -12.09 17.45
N HIS A 231 -3.47 -12.16 17.02
CA HIS A 231 -4.36 -13.24 17.38
C HIS A 231 -4.56 -14.28 16.28
N VAL A 232 -3.89 -14.14 15.14
CA VAL A 232 -4.10 -15.06 14.04
C VAL A 232 -2.84 -15.87 13.78
N SER A 233 -3.02 -17.03 13.15
CA SER A 233 -1.92 -17.94 12.85
C SER A 233 -1.34 -17.73 11.46
N ARG A 234 -2.14 -17.28 10.50
CA ARG A 234 -1.68 -17.06 9.14
C ARG A 234 -2.66 -16.12 8.44
N VAL A 235 -2.20 -15.50 7.36
CA VAL A 235 -2.95 -14.44 6.67
C VAL A 235 -3.01 -14.76 5.19
N TYR A 236 -4.21 -14.64 4.61
CA TYR A 236 -4.41 -14.76 3.16
C TYR A 236 -4.81 -13.39 2.64
N VAL A 237 -4.18 -12.98 1.53
CA VAL A 237 -4.47 -11.71 0.89
C VAL A 237 -4.51 -11.89 -0.62
N VAL A 238 -5.10 -10.90 -1.29
CA VAL A 238 -4.96 -10.75 -2.74
C VAL A 238 -3.82 -9.75 -2.99
N THR A 239 -4.07 -8.43 -2.77
CA THR A 239 -3.01 -7.44 -2.93
C THR A 239 -2.96 -6.42 -1.81
N SER A 240 -3.72 -6.59 -0.73
CA SER A 240 -3.82 -5.57 0.31
C SER A 240 -2.48 -5.25 0.96
N GLN A 241 -2.32 -3.98 1.34
CA GLN A 241 -1.22 -3.60 2.20
C GLN A 241 -1.18 -4.45 3.47
N TYR A 242 -2.32 -4.97 3.90
CA TYR A 242 -2.37 -5.85 5.08
C TYR A 242 -1.34 -6.97 4.99
N GLY A 243 -1.08 -7.49 3.80
CA GLY A 243 -0.12 -8.57 3.68
C GLY A 243 1.27 -8.18 4.14
N PHE A 244 1.71 -6.97 3.80
CA PHE A 244 3.03 -6.55 4.28
C PHE A 244 3.01 -6.33 5.78
N GLU A 245 1.91 -5.78 6.30
CA GLU A 245 1.79 -5.58 7.72
C GLU A 245 1.83 -6.91 8.47
N ALA A 246 1.26 -7.96 7.86
CA ALA A 246 1.34 -9.29 8.45
C ALA A 246 2.77 -9.81 8.47
N LEU A 247 3.57 -9.53 7.43
CA LEU A 247 4.97 -9.91 7.48
C LEU A 247 5.69 -9.18 8.62
N LEU A 248 5.39 -7.90 8.82
CA LEU A 248 6.01 -7.18 9.93
C LEU A 248 5.64 -7.81 11.25
N ALA A 249 4.41 -8.32 11.37
CA ALA A 249 3.92 -8.96 12.59
C ALA A 249 4.46 -10.37 12.78
N GLY A 250 5.21 -10.88 11.81
CA GLY A 250 5.78 -12.21 11.92
C GLY A 250 4.86 -13.33 11.54
N LYS A 251 3.83 -13.05 10.74
CA LYS A 251 2.85 -14.06 10.38
C LYS A 251 3.09 -14.54 8.95
N PRO A 252 2.85 -15.82 8.67
CA PRO A 252 2.95 -16.28 7.28
C PRO A 252 1.82 -15.70 6.43
N VAL A 253 2.18 -15.33 5.19
CA VAL A 253 1.25 -14.65 4.29
C VAL A 253 1.18 -15.45 2.99
N THR A 254 -0.04 -15.79 2.58
CA THR A 254 -0.34 -16.40 1.29
C THR A 254 -0.98 -15.35 0.41
N CYS A 255 -0.47 -15.20 -0.82
CA CYS A 255 -0.87 -14.12 -1.73
CA CYS A 255 -0.87 -14.13 -1.72
C CYS A 255 -1.47 -14.69 -2.99
N PHE A 256 -2.67 -14.20 -3.35
CA PHE A 256 -3.37 -14.62 -4.56
C PHE A 256 -3.31 -13.60 -5.69
N GLY A 257 -2.92 -12.36 -5.40
CA GLY A 257 -2.58 -11.38 -6.41
C GLY A 257 -1.09 -11.18 -6.47
N GLN A 258 -0.69 -10.10 -7.15
CA GLN A 258 0.72 -9.75 -7.32
C GLN A 258 1.06 -8.36 -6.78
N PRO A 259 0.92 -8.17 -5.46
CA PRO A 259 1.25 -6.86 -4.86
C PRO A 259 2.74 -6.57 -4.83
N TRP A 260 3.06 -5.35 -4.37
CA TRP A 260 4.44 -4.88 -4.43
C TRP A 260 5.39 -5.72 -3.61
N TYR A 261 4.89 -6.40 -2.57
CA TYR A 261 5.70 -7.17 -1.62
C TYR A 261 5.69 -8.68 -1.93
N ALA A 262 5.00 -9.12 -2.98
CA ALA A 262 5.02 -10.52 -3.38
C ALA A 262 6.23 -10.81 -4.27
N SER A 263 6.56 -12.09 -4.39
CA SER A 263 7.56 -12.57 -5.35
C SER A 263 8.99 -12.10 -5.01
N TRP A 264 9.27 -11.85 -3.74
CA TRP A 264 10.62 -11.56 -3.25
C TRP A 264 11.19 -12.72 -2.43
N GLY A 265 10.42 -13.79 -2.24
CA GLY A 265 10.84 -14.90 -1.41
C GLY A 265 10.25 -14.90 -0.01
N LEU A 266 9.37 -13.95 0.31
CA LEU A 266 8.85 -13.81 1.66
C LEU A 266 7.40 -14.28 1.80
N THR A 267 6.73 -14.58 0.70
CA THR A 267 5.31 -14.88 0.70
C THR A 267 5.05 -16.20 -0.02
N ASP A 268 3.95 -16.84 0.36
CA ASP A 268 3.45 -18.07 -0.26
C ASP A 268 2.60 -17.62 -1.44
N ASP A 269 3.23 -17.54 -2.62
CA ASP A 269 2.61 -16.91 -3.78
C ASP A 269 1.85 -17.93 -4.62
N ARG A 270 0.58 -17.63 -4.91
CA ARG A 270 -0.30 -18.54 -5.62
C ARG A 270 -0.67 -18.04 -7.01
N HIS A 271 -0.31 -16.84 -7.37
CA HIS A 271 -0.74 -16.33 -8.66
C HIS A 271 -0.07 -17.12 -9.79
N PRO A 272 -0.77 -17.41 -10.87
CA PRO A 272 -0.16 -18.21 -11.94
C PRO A 272 1.10 -17.60 -12.54
N GLN A 273 1.27 -16.29 -12.48
CA GLN A 273 2.45 -15.64 -13.03
C GLN A 273 3.52 -15.40 -11.97
N SER A 274 3.38 -15.98 -10.78
CA SER A 274 4.34 -15.70 -9.71
CA SER A 274 4.33 -15.67 -9.72
C SER A 274 5.76 -16.02 -10.12
N ALA A 275 5.97 -17.11 -10.85
CA ALA A 275 7.32 -17.51 -11.24
C ALA A 275 7.96 -16.47 -12.14
N LEU A 276 7.17 -15.87 -13.03
CA LEU A 276 7.68 -14.87 -13.95
C LEU A 276 8.02 -13.58 -13.21
N LEU A 277 7.15 -13.14 -12.30
CA LEU A 277 7.44 -11.96 -11.50
C LEU A 277 8.62 -12.20 -10.58
N SER A 278 8.72 -13.39 -9.98
CA SER A 278 9.86 -13.69 -9.12
CA SER A 278 9.86 -13.69 -9.12
C SER A 278 11.18 -13.67 -9.91
N ALA A 279 11.14 -14.13 -11.16
CA ALA A 279 12.34 -14.09 -11.97
C ALA A 279 12.80 -12.66 -12.21
N ARG A 280 11.85 -11.74 -12.38
CA ARG A 280 12.20 -10.34 -12.60
C ARG A 280 12.69 -9.68 -11.31
N ARG A 281 12.03 -9.97 -10.20
CA ARG A 281 12.32 -9.27 -8.94
C ARG A 281 13.57 -9.80 -8.27
N GLY A 282 13.75 -11.11 -8.21
CA GLY A 282 14.77 -11.71 -7.37
C GLY A 282 14.32 -11.74 -5.93
N SER A 283 15.29 -11.92 -5.03
CA SER A 283 14.98 -12.06 -3.61
CA SER A 283 14.98 -12.06 -3.61
C SER A 283 15.28 -10.77 -2.87
N ALA A 284 14.59 -10.58 -1.75
CA ALA A 284 14.88 -9.48 -0.85
C ALA A 284 14.48 -9.88 0.56
N THR A 285 15.14 -9.32 1.54
CA THR A 285 14.77 -9.54 2.93
C THR A 285 13.65 -8.58 3.35
N LEU A 286 13.05 -8.89 4.50
CA LEU A 286 11.98 -8.04 5.01
C LEU A 286 12.49 -6.62 5.31
N GLU A 287 13.70 -6.52 5.88
CA GLU A 287 14.27 -5.21 6.22
CA GLU A 287 14.26 -5.21 6.21
C GLU A 287 14.63 -4.42 4.97
N GLU A 288 15.05 -5.11 3.90
CA GLU A 288 15.27 -4.45 2.61
C GLU A 288 13.97 -3.93 2.03
N LEU A 289 12.94 -4.75 2.02
CA LEU A 289 11.64 -4.29 1.53
C LEU A 289 11.15 -3.09 2.34
N PHE A 290 11.27 -3.18 3.67
CA PHE A 290 10.79 -2.08 4.50
C PHE A 290 11.56 -0.79 4.23
N ALA A 291 12.89 -0.86 4.22
CA ALA A 291 13.68 0.35 3.97
C ALA A 291 13.32 0.95 2.63
N ALA A 292 13.26 0.13 1.59
CA ALA A 292 12.96 0.67 0.27
C ALA A 292 11.60 1.34 0.25
N ALA A 293 10.57 0.65 0.76
CA ALA A 293 9.21 1.15 0.67
C ALA A 293 8.96 2.33 1.59
N TYR A 294 9.28 2.18 2.87
CA TYR A 294 8.84 3.16 3.84
C TYR A 294 9.83 4.30 4.02
N LEU A 295 11.12 4.07 3.76
CA LEU A 295 12.14 5.08 3.99
C LEU A 295 12.66 5.74 2.71
N ARG A 296 12.59 5.08 1.56
CA ARG A 296 13.13 5.62 0.31
C ARG A 296 12.04 6.02 -0.68
N TYR A 297 10.99 5.24 -0.79
CA TYR A 297 9.93 5.47 -1.77
C TYR A 297 8.90 6.46 -1.28
N CYS A 298 8.48 6.32 -0.04
CA CYS A 298 7.53 7.25 0.57
C CYS A 298 8.24 8.51 1.01
N ARG A 299 7.53 9.63 0.90
CA ARG A 299 7.98 10.93 1.37
C ARG A 299 6.99 11.46 2.38
N TYR A 300 7.50 12.29 3.31
CA TYR A 300 6.74 12.70 4.49
C TYR A 300 6.78 14.21 4.68
N ILE A 301 5.74 14.73 5.31
CA ILE A 301 5.73 16.10 5.82
C ILE A 301 5.47 16.08 7.33
N ASP A 302 5.91 17.15 7.99
CA ASP A 302 5.73 17.24 9.44
C ASP A 302 4.27 17.57 9.72
N PRO A 303 3.57 16.78 10.53
CA PRO A 303 2.12 17.02 10.70
C PRO A 303 1.78 18.34 11.33
N GLN A 304 2.74 19.04 11.92
CA GLN A 304 2.47 20.32 12.58
C GLN A 304 2.96 21.52 11.80
N THR A 305 4.01 21.39 10.99
CA THR A 305 4.54 22.51 10.23
C THR A 305 4.30 22.40 8.73
N GLY A 306 4.08 21.20 8.21
CA GLY A 306 3.98 21.01 6.77
C GLY A 306 5.31 20.94 6.05
N GLU A 307 6.43 21.11 6.75
CA GLU A 307 7.73 21.02 6.10
C GLU A 307 8.11 19.57 5.80
N VAL A 308 9.06 19.40 4.87
CA VAL A 308 9.63 18.10 4.63
C VAL A 308 10.08 17.46 5.93
N SER A 309 9.78 16.19 6.09
CA SER A 309 10.04 15.47 7.33
C SER A 309 10.42 14.04 6.99
N ASP A 310 10.23 13.14 7.96
CA ASP A 310 10.65 11.76 7.82
C ASP A 310 9.63 10.86 8.51
N LEU A 311 9.78 9.57 8.29
CA LEU A 311 8.85 8.61 8.88
C LEU A 311 8.87 8.71 10.40
N PHE A 312 10.05 8.88 11.00
CA PHE A 312 10.12 8.83 12.46
C PHE A 312 9.30 9.94 13.08
N THR A 313 9.34 11.14 12.48
CA THR A 313 8.58 12.26 13.01
C THR A 313 7.08 12.01 12.86
N VAL A 314 6.68 11.43 11.74
CA VAL A 314 5.26 11.14 11.54
C VAL A 314 4.78 10.08 12.52
N LEU A 315 5.57 9.01 12.72
CA LEU A 315 5.22 8.01 13.72
C LEU A 315 5.12 8.61 15.11
N GLN A 316 6.08 9.44 15.49
CA GLN A 316 6.04 10.07 16.80
C GLN A 316 4.73 10.84 16.98
N TRP A 317 4.32 11.60 15.96
CA TRP A 317 3.11 12.42 16.08
C TRP A 317 1.87 11.53 16.12
N LEU A 318 1.82 10.50 15.29
CA LEU A 318 0.65 9.64 15.25
C LEU A 318 0.43 8.94 16.57
N GLN A 319 1.52 8.49 17.20
CA GLN A 319 1.36 7.83 18.48
C GLN A 319 0.90 8.80 19.57
N LEU A 320 1.24 10.10 19.45
CA LEU A 320 0.64 11.10 20.31
C LEU A 320 -0.88 11.04 20.21
N GLN A 321 -1.40 11.14 18.99
CA GLN A 321 -2.84 11.24 18.79
C GLN A 321 -3.54 9.96 19.20
N ARG A 322 -2.83 8.82 19.15
CA ARG A 322 -3.46 7.53 19.44
C ARG A 322 -3.63 7.26 20.94
N ARG A 323 -2.86 7.94 21.80
CA ARG A 323 -3.04 7.63 23.24
C ARG A 323 -4.41 8.02 23.78
N HIS A 324 -5.33 8.43 22.90
CA HIS A 324 -6.73 8.62 23.26
C HIS A 324 -7.62 8.18 22.10
O3P C5P B . -6.29 -3.19 1.40
P C5P B . -5.54 -1.88 1.39
O1P C5P B . -4.22 -1.94 0.64
O2P C5P B . -6.37 -0.71 0.97
O5' C5P B . -5.16 -1.61 2.92
C5' C5P B . -4.87 -0.31 3.43
C4' C5P B . -5.07 -0.27 4.92
O4' C5P B . -6.47 -0.50 5.21
C3' C5P B . -4.34 -1.32 5.72
O3' C5P B . -3.02 -0.89 6.04
C2' C5P B . -5.20 -1.48 6.96
O2' C5P B . -4.91 -0.47 7.91
C1' C5P B . -6.59 -1.21 6.40
N1 C5P B . -7.32 -2.45 6.08
C2 C5P B . -8.06 -3.11 7.15
N3 C5P B . -8.82 -4.33 6.82
C4 C5P B . -8.81 -4.79 5.46
C5 C5P B . -8.06 -4.11 4.38
C6 C5P B . -7.30 -2.90 4.71
O2 C5P B . -7.99 -2.67 8.25
N4 C5P B . -9.58 -5.95 5.17
H5'1 C5P B . -5.45 0.33 3.00
H5'2 C5P B . -3.94 -0.09 3.22
H4' C5P B . -4.82 0.62 5.25
H3' C5P B . -4.31 -2.15 5.22
HO3' C5P B . -2.52 -1.57 6.11
H2'1 C5P B . -5.14 -2.37 7.34
HO2' C5P B . -5.61 -0.01 8.06
H1' C5P B . -7.11 -0.70 7.04
H5 C5P B . -8.09 -4.43 3.51
H6 C5P B . -6.84 -2.44 4.06
HN41 C5P B . -9.99 -6.36 5.80
HN42 C5P B . -9.59 -6.27 4.37
CL CL C . -4.84 11.84 -11.96
S SO4 D . -9.53 13.05 -10.06
O1 SO4 D . -9.37 11.60 -10.00
O2 SO4 D . -8.47 13.62 -10.89
O3 SO4 D . -10.83 13.36 -10.65
O4 SO4 D . -9.44 13.62 -8.72
#